data_3OU4
#
_entry.id   3OU4
#
_cell.length_a   45.612
_cell.length_b   45.612
_cell.length_c   102.003
_cell.angle_alpha   90.00
_cell.angle_beta   90.00
_cell.angle_gamma   90.00
#
_symmetry.space_group_name_H-M   'P 41'
#
loop_
_entity.id
_entity.type
_entity.pdbx_description
1 polymer 'HIV-1 protease'
2 polymer 'HIV-1 protease'
3 polymer 'TF/PR substrate peptide'
4 water water
#
loop_
_entity_poly.entity_id
_entity_poly.type
_entity_poly.pdbx_seq_one_letter_code
_entity_poly.pdbx_strand_id
1 'polypeptide(L)'
;PQITLWQRPIVTIKIGGQLKEALLNTGADDTVLEEVNLPGRWKPKLIGGIGGFVKVRQYDQVPIEICGHKVIGTVLVGPT
PTNVIGRNLMTQIGCTLNF
;
A
2 'polypeptide(L)'
;PQITLWQRPIVTIKIGGQLKEALLNTGADDTVLEEVNLPGRWKPKLIGGIGGFVKVRQYDQVPIEICGHKTIGTVLVGPT
PTNVIGRNLMTQIGCTLNF
;
B
3 'polypeptide(L)' FNFPQIT C
#
# COMPACT_ATOMS: atom_id res chain seq x y z
N PRO A 1 -1.95 8.39 16.59
CA PRO A 1 -3.21 8.85 16.00
C PRO A 1 -4.04 7.69 15.45
N GLN A 2 -5.32 7.95 15.20
CA GLN A 2 -6.13 7.06 14.38
C GLN A 2 -6.37 7.75 13.04
N ILE A 3 -5.94 7.10 11.98
CA ILE A 3 -5.95 7.68 10.64
C ILE A 3 -6.96 6.97 9.76
N THR A 4 -8.03 7.69 9.39
CA THR A 4 -8.97 7.14 8.43
C THR A 4 -8.42 7.18 7.00
N LEU A 5 -9.06 6.43 6.11
CA LEU A 5 -8.45 6.21 4.81
C LEU A 5 -9.21 6.84 3.63
N TRP A 6 -10.01 7.86 3.92
CA TRP A 6 -10.73 8.59 2.87
C TRP A 6 -9.77 9.36 1.97
N GLN A 7 -8.64 9.79 2.54
CA GLN A 7 -7.55 10.42 1.81
C GLN A 7 -6.31 9.55 1.94
N ARG A 8 -5.31 9.83 1.11
CA ARG A 8 -4.02 9.12 1.21
C ARG A 8 -3.38 9.39 2.56
N PRO A 9 -2.94 8.32 3.26
CA PRO A 9 -2.33 8.52 4.59
C PRO A 9 -0.90 9.02 4.52
N ILE A 10 -0.77 10.30 4.22
CA ILE A 10 0.52 10.98 4.13
C ILE A 10 0.85 11.60 5.49
N VAL A 11 2.06 11.35 5.96
CA VAL A 11 2.51 11.87 7.25
C VAL A 11 3.86 12.56 7.10
N THR A 12 4.17 13.37 8.09
CA THR A 12 5.45 14.06 8.17
C THR A 12 6.49 13.13 8.82
N ILE A 13 7.70 13.14 8.25
CA ILE A 13 8.79 12.36 8.77
C ILE A 13 10.01 13.27 8.91
N LYS A 14 10.91 12.89 9.82
CA LYS A 14 12.22 13.53 9.93
C LYS A 14 13.28 12.48 9.65
N ILE A 15 14.10 12.73 8.64
CA ILE A 15 15.10 11.75 8.21
C ILE A 15 16.33 12.51 7.70
N GLY A 16 17.50 12.07 8.15
CA GLY A 16 18.76 12.63 7.68
C GLY A 16 18.90 14.13 7.90
N GLY A 17 18.23 14.64 8.93
CA GLY A 17 18.23 16.09 9.23
C GLY A 17 17.24 16.89 8.40
N GLN A 18 16.38 16.22 7.66
CA GLN A 18 15.41 16.88 6.77
C GLN A 18 13.99 16.54 7.20
N LEU A 19 13.05 17.46 6.95
CA LEU A 19 11.62 17.20 7.10
C LEU A 19 11.07 16.79 5.74
N LYS A 20 10.29 15.71 5.71
CA LYS A 20 9.76 15.20 4.46
C LYS A 20 8.35 14.69 4.73
N GLU A 21 7.64 14.35 3.67
CA GLU A 21 6.34 13.67 3.77
C GLU A 21 6.43 12.30 3.10
N ALA A 22 5.67 11.35 3.63
CA ALA A 22 5.68 10.00 3.06
C ALA A 22 4.32 9.34 3.29
N LEU A 23 4.03 8.36 2.45
CA LEU A 23 2.77 7.63 2.44
C LEU A 23 2.91 6.36 3.29
N LEU A 24 2.02 6.19 4.27
CA LEU A 24 1.95 4.95 5.07
C LEU A 24 1.33 3.90 4.20
N ASN A 25 2.15 2.94 3.77
CA ASN A 25 1.77 1.99 2.73
C ASN A 25 1.87 0.53 3.17
N THR A 26 0.72 -0.02 3.58
CA THR A 26 0.70 -1.38 4.09
C THR A 26 0.90 -2.40 2.98
N GLY A 27 0.81 -1.94 1.73
CA GLY A 27 1.13 -2.81 0.58
C GLY A 27 2.59 -2.89 0.22
N ALA A 28 3.42 -2.11 0.90
CA ALA A 28 4.85 -2.09 0.63
C ALA A 28 5.61 -2.79 1.74
N ASP A 29 6.49 -3.73 1.35
CA ASP A 29 7.32 -4.42 2.36
C ASP A 29 8.34 -3.45 2.96
N ASP A 30 8.86 -2.57 2.12
CA ASP A 30 10.05 -1.77 2.44
C ASP A 30 9.73 -0.28 2.36
N THR A 31 10.59 0.52 2.98
CA THR A 31 10.49 1.97 2.96
C THR A 31 11.46 2.51 1.91
N VAL A 32 10.92 3.34 1.02
CA VAL A 32 11.72 3.91 -0.08
C VAL A 32 11.51 5.42 -0.08
N LEU A 33 12.62 6.16 0.05
CA LEU A 33 12.56 7.61 0.08
C LEU A 33 13.55 8.15 -0.94
N GLU A 34 13.20 9.28 -1.55
CA GLU A 34 14.13 9.93 -2.49
C GLU A 34 14.66 11.25 -1.93
N GLU A 35 15.79 11.71 -2.48
CA GLU A 35 16.34 13.02 -2.12
C GLU A 35 16.68 13.13 -0.63
N VAL A 36 17.28 12.08 -0.10
CA VAL A 36 17.82 12.15 1.25
C VAL A 36 19.27 11.75 1.20
N ASN A 37 20.09 12.46 1.97
CA ASN A 37 21.49 12.13 2.07
C ASN A 37 21.65 11.53 3.46
N LEU A 38 21.95 10.24 3.49
CA LEU A 38 22.18 9.54 4.75
C LEU A 38 23.65 9.27 4.91
N PRO A 39 24.15 9.40 6.15
CA PRO A 39 25.54 9.10 6.45
C PRO A 39 25.76 7.61 6.71
N GLY A 40 27.01 7.16 6.72
CA GLY A 40 27.19 5.73 7.04
C GLY A 40 26.96 4.76 5.89
N ARG A 41 27.04 3.46 6.21
CA ARG A 41 27.23 2.44 5.19
C ARG A 41 25.96 2.12 4.42
N TRP A 42 26.14 1.74 3.16
CA TRP A 42 25.02 1.26 2.33
C TRP A 42 25.47 0.17 1.39
N LYS A 43 24.50 -0.55 0.85
CA LYS A 43 24.78 -1.51 -0.21
C LYS A 43 23.69 -1.40 -1.25
N PRO A 44 24.01 -1.67 -2.53
CA PRO A 44 22.94 -1.66 -3.55
C PRO A 44 21.92 -2.78 -3.32
N LYS A 45 20.68 -2.49 -3.69
CA LYS A 45 19.60 -3.47 -3.61
C LYS A 45 18.71 -3.29 -4.84
N LEU A 46 18.31 -4.41 -5.44
CA LEU A 46 17.35 -4.39 -6.53
C LEU A 46 15.94 -4.60 -6.00
N ILE A 47 15.05 -3.69 -6.37
CA ILE A 47 13.65 -3.80 -5.94
C ILE A 47 12.73 -3.72 -7.15
N GLY A 48 11.42 -3.76 -6.89
CA GLY A 48 10.45 -3.84 -7.99
C GLY A 48 10.58 -5.19 -8.64
N GLY A 49 10.69 -5.21 -9.96
CA GLY A 49 10.63 -6.47 -10.71
C GLY A 49 9.72 -6.44 -11.92
N ILE A 50 8.78 -5.50 -11.98
CA ILE A 50 8.00 -5.30 -13.20
C ILE A 50 8.78 -4.37 -14.15
N GLY A 51 8.97 -4.81 -15.41
CA GLY A 51 9.62 -4.05 -16.50
C GLY A 51 11.16 -4.08 -16.44
N GLY A 52 11.66 -4.68 -15.38
CA GLY A 52 13.07 -4.65 -15.02
C GLY A 52 13.11 -4.49 -13.51
N PHE A 53 14.29 -4.17 -12.98
CA PHE A 53 14.44 -3.87 -11.56
C PHE A 53 14.91 -2.44 -11.40
N VAL A 54 14.64 -1.88 -10.22
CA VAL A 54 15.13 -0.55 -9.84
C VAL A 54 16.20 -0.79 -8.78
N LYS A 55 17.37 -0.13 -8.94
CA LYS A 55 18.48 -0.25 -7.97
C LYS A 55 18.41 0.94 -7.02
N VAL A 56 18.47 0.62 -5.73
CA VAL A 56 18.42 1.63 -4.67
C VAL A 56 19.59 1.37 -3.72
N ARG A 57 19.86 2.35 -2.87
CA ARG A 57 20.86 2.17 -1.81
C ARG A 57 20.14 1.75 -0.52
N GLN A 58 20.55 0.62 0.02
CA GLN A 58 20.02 0.11 1.29
C GLN A 58 20.88 0.59 2.46
N TYR A 59 20.27 1.37 3.34
CA TYR A 59 20.91 1.79 4.60
C TYR A 59 20.21 1.07 5.73
N ASP A 60 20.99 0.36 6.55
CA ASP A 60 20.39 -0.35 7.67
C ASP A 60 20.36 0.47 8.96
N GLN A 61 19.40 0.15 9.82
CA GLN A 61 19.31 0.76 11.16
C GLN A 61 19.40 2.29 11.11
N VAL A 62 18.55 2.90 10.31
CA VAL A 62 18.53 4.34 10.14
C VAL A 62 17.57 4.95 11.17
N PRO A 63 18.03 5.91 11.97
CA PRO A 63 17.07 6.61 12.85
C PRO A 63 16.12 7.48 12.01
N ILE A 64 14.84 7.37 12.31
CA ILE A 64 13.82 8.12 11.56
C ILE A 64 12.67 8.43 12.50
N GLU A 65 12.13 9.63 12.38
CA GLU A 65 10.94 9.99 13.16
C GLU A 65 9.74 10.02 12.23
N ILE A 66 8.69 9.29 12.61
CA ILE A 66 7.54 9.16 11.72
C ILE A 66 6.34 9.62 12.53
N CYS A 67 5.76 10.75 12.13
CA CYS A 67 4.61 11.28 12.81
C CYS A 67 4.87 11.30 14.32
N GLY A 68 6.03 11.82 14.73
CA GLY A 68 6.37 11.98 16.16
C GLY A 68 6.99 10.80 16.88
N HIS A 69 7.06 9.65 16.20
CA HIS A 69 7.59 8.42 16.78
C HIS A 69 9.02 8.20 16.27
N LYS A 70 9.97 8.25 17.19
CA LYS A 70 11.38 8.05 16.85
C LYS A 70 11.69 6.56 16.87
N VAL A 71 12.03 6.03 15.70
CA VAL A 71 12.30 4.62 15.55
C VAL A 71 13.57 4.39 14.73
N ILE A 72 13.84 3.11 14.45
CA ILE A 72 15.01 2.69 13.69
C ILE A 72 14.57 1.63 12.69
N GLY A 73 15.02 1.75 11.45
CA GLY A 73 14.78 0.70 10.48
C GLY A 73 15.55 0.92 9.20
N THR A 74 15.47 -0.09 8.33
CA THR A 74 16.10 0.00 7.03
C THR A 74 15.39 1.02 6.15
N VAL A 75 16.16 1.88 5.49
CA VAL A 75 15.60 2.83 4.53
C VAL A 75 16.31 2.62 3.21
N LEU A 76 15.50 2.44 2.16
CA LEU A 76 16.02 2.35 0.80
C LEU A 76 15.94 3.75 0.20
N VAL A 77 17.06 4.20 -0.39
CA VAL A 77 17.10 5.53 -0.96
C VAL A 77 17.27 5.44 -2.48
N GLY A 78 16.33 6.04 -3.19
CA GLY A 78 16.36 6.06 -4.64
C GLY A 78 15.13 6.78 -5.15
N PRO A 79 15.12 7.13 -6.47
CA PRO A 79 13.97 7.87 -6.96
C PRO A 79 12.74 6.99 -6.91
N THR A 80 11.66 7.53 -6.37
CA THR A 80 10.44 6.77 -6.19
C THR A 80 9.31 7.74 -6.54
N PRO A 81 8.27 7.25 -7.23
CA PRO A 81 7.20 8.17 -7.57
C PRO A 81 6.61 8.88 -6.36
N THR A 82 6.58 8.19 -5.21
CA THR A 82 6.04 8.78 -3.98
C THR A 82 6.89 8.25 -2.81
N ASN A 83 7.23 9.11 -1.84
CA ASN A 83 7.95 8.59 -0.66
C ASN A 83 7.06 7.62 0.09
N VAL A 84 7.60 6.46 0.44
CA VAL A 84 6.77 5.40 1.04
C VAL A 84 7.33 4.85 2.35
N ILE A 85 6.47 4.84 3.37
CA ILE A 85 6.81 4.14 4.63
C ILE A 85 6.18 2.75 4.52
N GLY A 86 7.01 1.73 4.42
CA GLY A 86 6.55 0.34 4.27
C GLY A 86 6.29 -0.32 5.61
N ARG A 87 5.88 -1.59 5.56
CA ARG A 87 5.60 -2.34 6.77
C ARG A 87 6.81 -2.39 7.73
N ASN A 88 8.02 -2.43 7.17
CA ASN A 88 9.22 -2.56 8.01
C ASN A 88 9.30 -1.45 9.06
N LEU A 89 8.86 -0.25 8.72
CA LEU A 89 8.83 0.85 9.71
C LEU A 89 7.49 1.04 10.42
N MET A 90 6.40 0.63 9.78
CA MET A 90 5.11 0.68 10.46
C MET A 90 5.11 -0.27 11.68
N THR A 91 5.81 -1.40 11.57
CA THR A 91 5.92 -2.28 12.75
C THR A 91 6.65 -1.60 13.90
N GLN A 92 7.68 -0.82 13.55
CA GLN A 92 8.49 -0.15 14.56
C GLN A 92 7.69 0.89 15.35
N ILE A 93 6.80 1.61 14.67
CA ILE A 93 5.99 2.63 15.32
C ILE A 93 4.74 2.06 16.00
N GLY A 94 4.52 0.76 15.82
CA GLY A 94 3.40 0.07 16.46
C GLY A 94 2.09 0.30 15.72
N CYS A 95 2.19 0.51 14.42
CA CYS A 95 1.02 0.79 13.59
C CYS A 95 0.28 -0.50 13.20
N THR A 96 -1.02 -0.50 13.47
CA THR A 96 -1.85 -1.63 13.11
C THR A 96 -3.03 -1.18 12.23
N LEU A 97 -3.60 -2.14 11.52
CA LEU A 97 -4.87 -1.92 10.81
C LEU A 97 -5.98 -2.40 11.74
N ASN A 98 -7.03 -1.60 11.86
CA ASN A 98 -8.12 -1.91 12.80
C ASN A 98 -9.47 -1.70 12.17
N PHE A 99 -10.34 -2.71 12.32
CA PHE A 99 -11.73 -2.60 11.88
C PHE A 99 -12.62 -3.61 12.61
CA PRO B 1 -9.64 -7.41 14.07
C PRO B 1 -8.64 -6.26 14.18
N GLN B 2 -7.59 -6.49 14.98
CA GLN B 2 -6.42 -5.65 14.94
C GLN B 2 -5.33 -6.45 14.23
N ILE B 3 -4.80 -5.90 13.15
CA ILE B 3 -3.84 -6.60 12.30
C ILE B 3 -2.47 -5.93 12.37
N THR B 4 -1.49 -6.65 12.92
CA THR B 4 -0.12 -6.15 12.91
C THR B 4 0.52 -6.33 11.54
N LEU B 5 1.65 -5.65 11.32
CA LEU B 5 2.18 -5.55 9.98
C LEU B 5 3.53 -6.26 9.80
N TRP B 6 3.83 -7.21 10.69
CA TRP B 6 5.04 -8.01 10.56
C TRP B 6 5.03 -8.88 9.31
N GLN B 7 3.82 -9.29 8.91
CA GLN B 7 3.60 -10.02 7.68
C GLN B 7 2.68 -9.18 6.78
N ARG B 8 2.57 -9.58 5.51
CA ARG B 8 1.64 -8.92 4.58
C ARG B 8 0.20 -9.11 5.05
N PRO B 9 -0.59 -8.01 5.12
CA PRO B 9 -1.97 -8.10 5.62
C PRO B 9 -2.93 -8.66 4.58
N ILE B 10 -2.84 -9.98 4.41
CA ILE B 10 -3.68 -10.71 3.45
C ILE B 10 -4.91 -11.22 4.19
N VAL B 11 -6.07 -10.96 3.60
CA VAL B 11 -7.33 -11.36 4.19
C VAL B 11 -8.19 -12.12 3.15
N THR B 12 -9.15 -12.87 3.67
CA THR B 12 -10.11 -13.59 2.86
C THR B 12 -11.27 -12.65 2.48
N ILE B 13 -11.68 -12.75 1.23
CA ILE B 13 -12.79 -11.97 0.71
C ILE B 13 -13.75 -12.91 0.00
N LYS B 14 -15.00 -12.49 -0.07
CA LYS B 14 -16.00 -13.17 -0.90
C LYS B 14 -16.51 -12.17 -1.93
N ILE B 15 -16.34 -12.53 -3.20
CA ILE B 15 -16.80 -11.68 -4.29
C ILE B 15 -17.22 -12.50 -5.48
N GLY B 16 -18.32 -12.08 -6.10
CA GLY B 16 -18.82 -12.72 -7.31
C GLY B 16 -19.12 -14.19 -7.11
N GLY B 17 -19.43 -14.58 -5.88
CA GLY B 17 -19.70 -15.98 -5.54
C GLY B 17 -18.44 -16.81 -5.28
N GLN B 18 -17.27 -16.18 -5.30
CA GLN B 18 -16.00 -16.88 -5.13
C GLN B 18 -15.34 -16.46 -3.81
N LEU B 19 -14.55 -17.37 -3.25
CA LEU B 19 -13.69 -17.07 -2.11
C LEU B 19 -12.31 -16.74 -2.66
N LYS B 20 -11.74 -15.62 -2.22
CA LYS B 20 -10.43 -15.21 -2.71
C LYS B 20 -9.65 -14.64 -1.53
N GLU B 21 -8.37 -14.37 -1.78
CA GLU B 21 -7.51 -13.64 -0.82
C GLU B 21 -7.05 -12.34 -1.44
N ALA B 22 -6.90 -11.31 -0.62
CA ALA B 22 -6.41 -10.02 -1.11
C ALA B 22 -5.61 -9.29 -0.04
N LEU B 23 -4.74 -8.39 -0.50
CA LEU B 23 -3.86 -7.61 0.36
C LEU B 23 -4.52 -6.27 0.75
N LEU B 24 -4.61 -5.98 2.04
CA LEU B 24 -5.11 -4.67 2.52
C LEU B 24 -4.02 -3.64 2.29
N ASN B 25 -4.23 -2.78 1.30
CA ASN B 25 -3.16 -1.92 0.80
C ASN B 25 -3.51 -0.44 0.91
N THR B 26 -3.00 0.19 1.97
CA THR B 26 -3.29 1.60 2.21
C THR B 26 -2.59 2.51 1.19
N GLY B 27 -1.62 1.95 0.47
CA GLY B 27 -0.97 2.70 -0.63
C GLY B 27 -1.74 2.73 -1.94
N ALA B 28 -2.83 1.97 -2.01
CA ALA B 28 -3.62 1.86 -3.23
C ALA B 28 -4.93 2.61 -3.10
N ASP B 29 -5.23 3.47 -4.07
CA ASP B 29 -6.49 4.24 -4.04
C ASP B 29 -7.66 3.29 -4.29
N ASP B 30 -7.43 2.34 -5.19
CA ASP B 30 -8.50 1.50 -5.73
C ASP B 30 -8.28 0.03 -5.42
N THR B 31 -9.35 -0.75 -5.55
CA THR B 31 -9.33 -2.20 -5.37
C THR B 31 -9.25 -2.87 -6.74
N VAL B 32 -8.28 -3.75 -6.90
CA VAL B 32 -8.05 -4.43 -8.18
C VAL B 32 -7.97 -5.93 -7.91
N LEU B 33 -8.81 -6.70 -8.59
CA LEU B 33 -8.86 -8.13 -8.38
C LEU B 33 -8.81 -8.81 -9.73
N GLU B 34 -8.17 -9.98 -9.79
CA GLU B 34 -8.16 -10.75 -11.04
C GLU B 34 -8.99 -12.03 -10.91
N GLU B 35 -9.36 -12.60 -12.07
CA GLU B 35 -10.07 -13.89 -12.10
C GLU B 35 -11.40 -13.87 -11.35
N VAL B 36 -12.13 -12.79 -11.52
CA VAL B 36 -13.49 -12.71 -10.99
C VAL B 36 -14.45 -12.38 -12.12
N ASN B 37 -15.60 -13.05 -12.09
CA ASN B 37 -16.60 -12.84 -13.10
C ASN B 37 -17.75 -12.13 -12.39
N LEU B 38 -17.87 -10.83 -12.63
CA LEU B 38 -18.92 -10.04 -11.99
C LEU B 38 -20.05 -9.80 -12.97
N PRO B 39 -21.29 -9.81 -12.46
CA PRO B 39 -22.46 -9.54 -13.30
C PRO B 39 -22.72 -8.04 -13.41
N GLY B 40 -23.58 -7.64 -14.32
CA GLY B 40 -23.89 -6.20 -14.36
C GLY B 40 -22.85 -5.33 -15.05
N ARG B 41 -23.08 -4.02 -15.01
CA ARG B 41 -22.45 -3.10 -15.94
C ARG B 41 -21.01 -2.79 -15.58
N TRP B 42 -20.20 -2.56 -16.60
CA TRP B 42 -18.82 -2.10 -16.40
C TRP B 42 -18.43 -1.12 -17.50
N LYS B 43 -17.34 -0.40 -17.23
CA LYS B 43 -16.72 0.48 -18.23
C LYS B 43 -15.21 0.30 -18.13
N PRO B 44 -14.49 0.45 -19.25
CA PRO B 44 -13.02 0.40 -19.15
C PRO B 44 -12.46 1.57 -18.38
N LYS B 45 -11.35 1.31 -17.69
CA LYS B 45 -10.62 2.31 -16.93
C LYS B 45 -9.14 2.06 -17.13
N LEU B 46 -8.38 3.13 -17.35
CA LEU B 46 -6.92 3.05 -17.40
C LEU B 46 -6.34 3.36 -16.02
N ILE B 47 -5.50 2.44 -15.55
CA ILE B 47 -4.84 2.63 -14.25
C ILE B 47 -3.32 2.50 -14.38
N GLY B 48 -2.62 2.67 -13.26
CA GLY B 48 -1.17 2.66 -13.27
C GLY B 48 -0.69 3.95 -13.94
N GLY B 49 0.15 3.82 -14.95
CA GLY B 49 0.80 5.00 -15.56
C GLY B 49 2.31 4.92 -15.70
N ILE B 50 2.93 3.95 -15.03
CA ILE B 50 4.35 3.66 -15.24
C ILE B 50 4.48 2.66 -16.39
N GLY B 51 5.29 3.00 -17.42
CA GLY B 51 5.63 2.13 -18.56
C GLY B 51 4.53 2.10 -19.65
N GLY B 52 3.45 2.77 -19.33
CA GLY B 52 2.21 2.72 -20.08
C GLY B 52 1.07 2.71 -19.07
N PHE B 53 -0.12 2.39 -19.54
CA PHE B 53 -1.27 2.22 -18.65
C PHE B 53 -1.77 0.79 -18.77
N VAL B 54 -2.46 0.34 -17.71
CA VAL B 54 -3.14 -0.96 -17.72
C VAL B 54 -4.64 -0.67 -17.79
N LYS B 55 -5.34 -1.39 -18.67
CA LYS B 55 -6.81 -1.24 -18.81
C LYS B 55 -7.48 -2.33 -18.01
N VAL B 56 -8.45 -1.90 -17.19
CA VAL B 56 -9.23 -2.80 -16.37
C VAL B 56 -10.71 -2.50 -16.60
N ARG B 57 -11.55 -3.41 -16.14
CA ARG B 57 -13.01 -3.21 -16.14
C ARG B 57 -13.43 -2.68 -14.79
N GLN B 58 -14.06 -1.51 -14.80
CA GLN B 58 -14.59 -0.86 -13.61
C GLN B 58 -16.05 -1.24 -13.39
N TYR B 59 -16.31 -1.93 -12.28
CA TYR B 59 -17.66 -2.26 -11.85
C TYR B 59 -17.98 -1.42 -10.64
N ASP B 60 -19.09 -0.68 -10.70
CA ASP B 60 -19.46 0.14 -9.55
C ASP B 60 -20.41 -0.56 -8.59
N GLN B 61 -20.37 -0.13 -7.33
CA GLN B 61 -21.29 -0.60 -6.30
C GLN B 61 -21.39 -2.13 -6.27
N VAL B 62 -20.23 -2.78 -6.14
CA VAL B 62 -20.18 -4.23 -6.11
C VAL B 62 -20.27 -4.69 -4.67
N PRO B 63 -21.21 -5.61 -4.38
CA PRO B 63 -21.20 -6.19 -3.03
C PRO B 63 -19.99 -7.09 -2.82
N ILE B 64 -19.31 -6.91 -1.70
CA ILE B 64 -18.11 -7.69 -1.40
C ILE B 64 -18.01 -7.87 0.10
N GLU B 65 -17.58 -9.06 0.50
CA GLU B 65 -17.34 -9.33 1.92
C GLU B 65 -15.83 -9.39 2.17
N ILE B 66 -15.37 -8.60 3.12
CA ILE B 66 -13.93 -8.50 3.36
C ILE B 66 -13.73 -8.83 4.82
N CYS B 67 -13.06 -9.96 5.07
CA CYS B 67 -12.78 -10.39 6.42
C CYS B 67 -14.07 -10.30 7.26
N GLY B 68 -15.17 -10.82 6.71
CA GLY B 68 -16.44 -10.88 7.44
C GLY B 68 -17.36 -9.67 7.37
N HIS B 69 -16.87 -8.58 6.78
CA HIS B 69 -17.61 -7.31 6.69
C HIS B 69 -18.22 -7.19 5.30
N LYS B 70 -19.55 -7.21 5.23
CA LYS B 70 -20.26 -7.09 3.95
C LYS B 70 -20.42 -5.61 3.62
N THR B 71 -19.78 -5.20 2.53
CA THR B 71 -19.82 -3.80 2.11
C THR B 71 -20.08 -3.71 0.62
N ILE B 72 -20.03 -2.48 0.11
CA ILE B 72 -20.25 -2.18 -1.29
C ILE B 72 -19.20 -1.19 -1.74
N GLY B 73 -18.60 -1.43 -2.90
CA GLY B 73 -17.72 -0.43 -3.49
C GLY B 73 -17.29 -0.80 -4.90
N THR B 74 -16.57 0.13 -5.51
CA THR B 74 -16.05 -0.10 -6.85
C THR B 74 -14.96 -1.16 -6.85
N VAL B 75 -15.05 -2.10 -7.79
CA VAL B 75 -14.01 -3.10 -7.95
C VAL B 75 -13.52 -3.02 -9.39
N LEU B 76 -12.20 -2.93 -9.53
CA LEU B 76 -11.57 -2.95 -10.85
C LEU B 76 -11.13 -4.39 -11.08
N VAL B 77 -11.50 -4.94 -12.23
CA VAL B 77 -11.17 -6.33 -12.54
C VAL B 77 -10.20 -6.37 -13.69
N GLY B 78 -9.06 -6.99 -13.45
CA GLY B 78 -8.06 -7.12 -14.47
C GLY B 78 -6.81 -7.72 -13.89
N PRO B 79 -5.77 -7.85 -14.72
CA PRO B 79 -4.51 -8.44 -14.33
C PRO B 79 -3.89 -7.62 -13.23
N THR B 80 -3.45 -8.32 -12.19
CA THR B 80 -2.75 -7.67 -11.12
C THR B 80 -1.83 -8.69 -10.50
N PRO B 81 -0.58 -8.29 -10.24
CA PRO B 81 0.35 -9.21 -9.61
C PRO B 81 -0.18 -9.78 -8.29
N THR B 82 -0.96 -8.99 -7.56
CA THR B 82 -1.49 -9.39 -6.27
C THR B 82 -2.90 -8.80 -6.14
N ASN B 83 -3.89 -9.57 -5.67
CA ASN B 83 -5.22 -8.99 -5.45
C ASN B 83 -5.12 -7.92 -4.37
N VAL B 84 -5.68 -6.75 -4.64
CA VAL B 84 -5.51 -5.61 -3.73
C VAL B 84 -6.83 -5.01 -3.28
N ILE B 85 -6.96 -4.86 -1.95
CA ILE B 85 -8.08 -4.07 -1.39
C ILE B 85 -7.53 -2.68 -1.14
N GLY B 86 -8.02 -1.70 -1.88
CA GLY B 86 -7.54 -0.32 -1.78
C GLY B 86 -8.31 0.47 -0.73
N ARG B 87 -7.92 1.73 -0.57
CA ARG B 87 -8.58 2.60 0.38
C ARG B 87 -10.12 2.70 0.16
N ASN B 88 -10.55 2.65 -1.11
CA ASN B 88 -11.96 2.81 -1.41
C ASN B 88 -12.81 1.80 -0.64
N LEU B 89 -12.30 0.58 -0.45
CA LEU B 89 -13.04 -0.43 0.33
C LEU B 89 -12.64 -0.50 1.80
N MET B 90 -11.41 -0.09 2.12
CA MET B 90 -11.06 -0.05 3.54
C MET B 90 -11.89 0.99 4.29
N THR B 91 -12.25 2.08 3.61
CA THR B 91 -13.16 3.06 4.27
C THR B 91 -14.52 2.43 4.56
N GLN B 92 -15.00 1.61 3.62
CA GLN B 92 -16.31 0.98 3.77
C GLN B 92 -16.38 0.04 4.98
N ILE B 93 -15.31 -0.71 5.24
CA ILE B 93 -15.26 -1.64 6.37
C ILE B 93 -14.87 -0.95 7.69
N GLY B 94 -14.54 0.35 7.60
CA GLY B 94 -14.20 1.14 8.78
C GLY B 94 -12.79 0.88 9.27
N CYS B 95 -11.91 0.57 8.32
CA CYS B 95 -10.51 0.26 8.65
C CYS B 95 -9.67 1.53 8.79
N THR B 96 -8.97 1.62 9.91
CA THR B 96 -8.09 2.75 10.20
C THR B 96 -6.67 2.26 10.48
N LEU B 97 -5.70 3.16 10.33
CA LEU B 97 -4.34 2.93 10.79
C LEU B 97 -4.22 3.51 12.18
N ASN B 98 -3.61 2.76 13.09
CA ASN B 98 -3.56 3.20 14.48
C ASN B 98 -2.19 3.00 15.07
N PHE B 99 -1.66 4.06 15.69
CA PHE B 99 -0.40 3.96 16.42
C PHE B 99 -0.27 5.05 17.49
N PHE C 1 5.57 -7.16 -1.77
CA PHE C 1 6.17 -6.32 -2.83
C PHE C 1 6.17 -4.86 -2.38
N ASN C 2 5.59 -3.99 -3.18
CA ASN C 2 5.60 -2.57 -2.86
C ASN C 2 4.65 -1.80 -3.77
N PHE C 3 3.64 -1.19 -3.14
CA PHE C 3 2.43 -0.86 -3.88
C PHE C 3 1.76 0.45 -3.48
N PRO C 4 2.14 1.56 -4.16
CA PRO C 4 1.44 2.84 -4.16
C PRO C 4 0.66 3.06 -5.47
N GLN C 5 -0.63 2.76 -5.47
CA GLN C 5 -1.42 2.80 -6.71
C GLN C 5 -2.23 4.07 -6.90
N ILE C 6 -1.95 4.76 -7.99
CA ILE C 6 -2.70 5.92 -8.44
C ILE C 6 -3.34 5.59 -9.80
N THR C 7 -4.61 6.05 -9.97
CA THR C 7 -5.31 5.70 -11.22
C THR C 7 -4.38 5.89 -12.44
#